data_4BRR
#
_entry.id   4BRR
#
_cell.length_a   75.060
_cell.length_b   91.500
_cell.length_c   143.720
_cell.angle_alpha   90.00
_cell.angle_beta   90.00
_cell.angle_gamma   90.00
#
_symmetry.space_group_name_H-M   'P 21 21 21'
#
loop_
_entity.id
_entity.type
_entity.pdbx_description
1 polymer 'DIACYLGLYCEROL KINASE'
2 non-polymer '(2R)-2,3-dihydroxypropyl (7Z)-hexadec-7-enoate'
3 non-polymer 'ZINC ION'
4 non-polymer 'ACETATE ION'
5 non-polymer 'CITRATE ANION'
6 water water
#
_entity_poly.entity_id   1
_entity_poly.type   'polypeptide(L)'
_entity_poly.pdbx_seq_one_letter_code
;GHHHHHHELANNTTGFTRIIKAAGYSWKGLRAAWINEAAFRQEGVAVLLCVVIAAWLDVDAVTRVLLISSVMLVMIVELL
NSAIEAVVDRIGSEYHELSGRAKDLGSAAVLIAIIDAVITWAILLWSHFG
;
_entity_poly.pdbx_strand_id   A,B,C,D,E,F
#
loop_
_chem_comp.id
_chem_comp.type
_chem_comp.name
_chem_comp.formula
79M non-polymer '(2R)-2,3-dihydroxypropyl (7Z)-hexadec-7-enoate' 'C19 H36 O4'
ACT non-polymer 'ACETATE ION' 'C2 H3 O2 -1'
FLC non-polymer 'CITRATE ANION' 'C6 H5 O7 -3'
ZN non-polymer 'ZINC ION' 'Zn 2'
#
# COMPACT_ATOMS: atom_id res chain seq x y z
N GLY A 15 -16.99 0.93 18.06
CA GLY A 15 -15.85 1.44 17.34
C GLY A 15 -15.22 2.66 18.02
N PHE A 16 -16.06 3.65 18.31
CA PHE A 16 -15.60 4.86 18.98
C PHE A 16 -15.36 4.58 20.46
N THR A 17 -16.10 3.60 20.99
CA THR A 17 -16.00 3.24 22.40
C THR A 17 -14.73 2.46 22.69
N ARG A 18 -14.22 1.75 21.69
CA ARG A 18 -12.99 0.96 21.84
C ARG A 18 -11.76 1.86 21.95
N ILE A 19 -11.78 2.96 21.21
CA ILE A 19 -10.68 3.92 21.21
C ILE A 19 -10.61 4.71 22.51
N ILE A 20 -11.77 5.16 22.99
CA ILE A 20 -11.85 5.96 24.22
C ILE A 20 -11.32 5.17 25.42
N LYS A 21 -11.71 3.89 25.49
CA LYS A 21 -11.27 3.01 26.55
C LYS A 21 -9.77 2.76 26.49
N ALA A 22 -9.27 2.48 25.28
CA ALA A 22 -7.85 2.22 25.11
C ALA A 22 -7.02 3.47 25.36
N ALA A 23 -7.59 4.64 25.07
CA ALA A 23 -6.93 5.90 25.35
C ALA A 23 -6.80 6.11 26.85
N GLY A 24 -7.81 5.66 27.60
CA GLY A 24 -7.81 5.78 29.05
C GLY A 24 -6.76 4.90 29.69
N TYR A 25 -6.66 3.66 29.22
CA TYR A 25 -5.62 2.73 29.67
C TYR A 25 -4.24 3.30 29.36
N SER A 26 -4.13 3.95 28.21
CA SER A 26 -2.85 4.50 27.73
C SER A 26 -2.37 5.62 28.61
N TRP A 27 -3.31 6.45 29.05
CA TRP A 27 -2.99 7.57 29.93
C TRP A 27 -2.61 7.09 31.35
N LYS A 28 -3.33 6.09 31.86
CA LYS A 28 -2.95 5.46 33.12
C LYS A 28 -1.53 4.89 33.03
N GLY A 29 -1.19 4.36 31.86
CA GLY A 29 0.12 3.76 31.65
C GLY A 29 1.26 4.77 31.65
N LEU A 30 1.04 5.90 30.98
CA LEU A 30 2.05 6.95 30.93
C LEU A 30 2.16 7.60 32.31
N ARG A 31 1.03 7.79 32.97
CA ARG A 31 0.99 8.39 34.29
C ARG A 31 1.72 7.53 35.33
N ALA A 32 1.48 6.23 35.30
CA ALA A 32 2.09 5.32 36.27
C ALA A 32 3.60 5.23 36.10
N ALA A 33 4.06 5.05 34.85
CA ALA A 33 5.48 5.02 34.55
C ALA A 33 6.16 6.31 34.97
N TRP A 34 5.46 7.43 34.80
CA TRP A 34 6.01 8.74 35.15
C TRP A 34 6.08 8.94 36.67
N ILE A 35 5.00 8.65 37.37
CA ILE A 35 4.96 8.83 38.82
C ILE A 35 5.96 7.90 39.53
N ASN A 36 6.14 6.71 38.98
CA ASN A 36 6.86 5.65 39.66
C ASN A 36 8.39 5.71 39.60
N GLU A 37 8.93 6.38 38.58
CA GLU A 37 10.38 6.36 38.39
C GLU A 37 10.97 7.66 37.83
N ALA A 38 11.97 8.18 38.54
CA ALA A 38 12.74 9.33 38.09
C ALA A 38 13.38 9.09 36.73
N ALA A 39 13.96 7.91 36.54
CA ALA A 39 14.62 7.55 35.29
C ALA A 39 13.66 7.63 34.12
N PHE A 40 12.41 7.22 34.34
CA PHE A 40 11.43 7.33 33.25
C PHE A 40 11.10 8.80 32.95
N ARG A 41 11.04 9.61 34.00
CA ARG A 41 10.70 11.02 33.83
C ARG A 41 11.81 11.76 33.08
N GLN A 42 13.05 11.48 33.44
CA GLN A 42 14.21 12.06 32.78
C GLN A 42 14.36 11.60 31.33
N GLU A 43 14.02 10.34 31.07
CA GLU A 43 13.96 9.85 29.69
C GLU A 43 12.89 10.59 28.88
N GLY A 44 11.71 10.75 29.47
CA GLY A 44 10.63 11.47 28.81
C GLY A 44 10.99 12.93 28.57
N VAL A 45 11.74 13.52 29.49
CA VAL A 45 12.33 14.84 29.26
C VAL A 45 13.21 14.79 28.01
N ALA A 46 14.13 13.83 27.96
CA ALA A 46 15.07 13.72 26.85
C ALA A 46 14.37 13.51 25.51
N VAL A 47 13.28 12.75 25.52
CA VAL A 47 12.53 12.49 24.30
C VAL A 47 11.78 13.72 23.81
N LEU A 48 11.17 14.46 24.74
CA LEU A 48 10.46 15.68 24.39
C LEU A 48 11.40 16.79 23.91
N LEU A 49 12.61 16.81 24.44
CA LEU A 49 13.58 17.80 23.98
C LEU A 49 14.02 17.48 22.57
N CYS A 50 14.16 16.19 22.25
CA CYS A 50 14.58 15.78 20.92
C CYS A 50 13.51 16.03 19.86
N VAL A 51 12.26 15.71 20.20
CA VAL A 51 11.15 16.01 19.29
C VAL A 51 11.08 17.51 19.02
N VAL A 52 11.25 18.32 20.05
CA VAL A 52 11.24 19.78 19.89
C VAL A 52 12.38 20.29 19.00
N ILE A 53 13.60 19.86 19.33
CA ILE A 53 14.77 20.21 18.53
C ILE A 53 14.63 19.78 17.07
N ALA A 54 14.16 18.55 16.86
CA ALA A 54 13.95 18.05 15.51
C ALA A 54 12.88 18.88 14.78
N ALA A 55 11.90 19.37 15.52
CA ALA A 55 10.82 20.17 14.95
C ALA A 55 11.28 21.56 14.48
N TRP A 56 12.38 22.05 15.05
CA TRP A 56 12.86 23.39 14.71
C TRP A 56 14.12 23.41 13.85
N LEU A 57 14.73 22.24 13.66
CA LEU A 57 15.92 22.15 12.82
C LEU A 57 15.59 22.40 11.35
N ASP A 58 16.46 23.13 10.68
CA ASP A 58 16.36 23.37 9.26
C ASP A 58 16.91 22.14 8.51
N VAL A 59 16.10 21.09 8.43
CA VAL A 59 16.47 19.88 7.72
C VAL A 59 15.35 19.45 6.78
N ASP A 60 15.64 18.49 5.92
CA ASP A 60 14.62 17.93 5.04
C ASP A 60 13.62 17.11 5.86
N ALA A 61 12.47 16.85 5.26
CA ALA A 61 11.37 16.22 5.96
C ALA A 61 11.68 14.78 6.39
N VAL A 62 12.37 14.02 5.51
CA VAL A 62 12.73 12.65 5.85
C VAL A 62 13.72 12.58 7.02
N THR A 63 14.67 13.52 7.06
CA THR A 63 15.61 13.62 8.16
C THR A 63 14.88 13.95 9.44
N ARG A 64 13.92 14.88 9.36
CA ARG A 64 13.14 15.27 10.52
C ARG A 64 12.39 14.06 11.10
N VAL A 65 11.82 13.24 10.23
CA VAL A 65 11.07 12.05 10.65
C VAL A 65 11.96 11.02 11.37
N LEU A 66 13.18 10.83 10.85
CA LEU A 66 14.11 9.86 11.42
C LEU A 66 14.62 10.27 12.81
N LEU A 67 14.84 11.56 13.01
CA LEU A 67 15.25 12.05 14.30
C LEU A 67 14.13 11.84 15.33
N ILE A 68 12.89 12.12 14.92
CA ILE A 68 11.73 11.94 15.78
C ILE A 68 11.41 10.46 16.04
N SER A 69 11.36 9.66 14.97
CA SER A 69 11.04 8.23 15.09
C SER A 69 12.03 7.43 15.93
N SER A 70 13.31 7.79 15.86
CA SER A 70 14.33 7.03 16.56
C SER A 70 14.17 7.20 18.08
N VAL A 71 13.76 8.38 18.53
CA VAL A 71 13.56 8.60 19.95
C VAL A 71 12.19 8.11 20.42
N MET A 72 11.18 8.22 19.57
CA MET A 72 9.88 7.67 19.92
C MET A 72 9.95 6.16 20.05
N LEU A 73 10.73 5.50 19.18
CA LEU A 73 10.96 4.06 19.31
C LEU A 73 11.57 3.73 20.68
N VAL A 74 12.46 4.60 21.16
CA VAL A 74 13.05 4.41 22.49
C VAL A 74 11.94 4.27 23.53
N MET A 75 10.96 5.17 23.44
CA MET A 75 9.82 5.19 24.35
C MET A 75 8.94 3.93 24.25
N ILE A 76 8.65 3.52 23.02
CA ILE A 76 7.83 2.35 22.75
C ILE A 76 8.43 1.11 23.37
N VAL A 77 9.74 0.92 23.17
CA VAL A 77 10.43 -0.25 23.71
C VAL A 77 10.56 -0.18 25.23
N GLU A 78 10.83 1.02 25.73
CA GLU A 78 10.82 1.27 27.17
C GLU A 78 9.49 0.86 27.80
N LEU A 79 8.39 1.31 27.21
CA LEU A 79 7.06 0.97 27.71
C LEU A 79 6.76 -0.52 27.59
N LEU A 80 7.02 -1.10 26.42
CA LEU A 80 6.80 -2.53 26.25
C LEU A 80 7.63 -3.38 27.24
N ASN A 81 8.87 -2.97 27.47
CA ASN A 81 9.72 -3.66 28.43
C ASN A 81 9.22 -3.51 29.87
N SER A 82 8.68 -2.33 30.20
CA SER A 82 8.12 -2.12 31.54
C SER A 82 6.86 -2.98 31.73
N ALA A 83 6.13 -3.22 30.63
CA ALA A 83 4.96 -4.09 30.67
C ALA A 83 5.35 -5.52 30.99
N ILE A 84 6.44 -5.99 30.40
CA ILE A 84 6.93 -7.34 30.68
C ILE A 84 7.47 -7.47 32.11
N GLU A 85 8.16 -6.43 32.58
CA GLU A 85 8.66 -6.40 33.95
C GLU A 85 7.53 -6.48 34.94
N ALA A 86 6.42 -5.81 34.62
CA ALA A 86 5.25 -5.84 35.49
C ALA A 86 4.63 -7.24 35.55
N VAL A 87 4.65 -7.96 34.43
CA VAL A 87 4.13 -9.33 34.40
C VAL A 87 5.02 -10.28 35.22
N VAL A 88 6.34 -10.11 35.10
CA VAL A 88 7.30 -10.93 35.83
C VAL A 88 7.20 -10.68 37.33
N ASP A 89 7.02 -9.42 37.70
CA ASP A 89 6.86 -9.05 39.10
C ASP A 89 5.48 -9.45 39.60
N ARG A 90 4.52 -9.57 38.68
CA ARG A 90 3.19 -10.05 39.00
C ARG A 90 3.23 -11.52 39.39
N ILE A 91 4.00 -12.31 38.67
CA ILE A 91 4.09 -13.73 38.96
C ILE A 91 4.72 -13.98 40.33
N GLY A 92 5.78 -13.26 40.63
CA GLY A 92 6.47 -13.43 41.89
C GLY A 92 7.79 -12.68 41.93
N SER A 93 8.10 -12.10 43.08
CA SER A 93 9.34 -11.36 43.25
C SER A 93 10.50 -12.32 43.56
N GLU A 94 10.17 -13.58 43.79
CA GLU A 94 11.19 -14.59 44.08
C GLU A 94 12.04 -14.85 42.84
N TYR A 95 13.30 -15.19 43.07
CA TYR A 95 14.23 -15.43 41.97
C TYR A 95 13.87 -16.67 41.17
N HIS A 96 13.90 -16.54 39.85
CA HIS A 96 13.67 -17.65 38.95
C HIS A 96 14.44 -17.41 37.65
N GLU A 97 14.91 -18.50 37.04
CA GLU A 97 15.76 -18.43 35.87
C GLU A 97 15.09 -17.71 34.69
N LEU A 98 13.85 -18.09 34.40
CA LEU A 98 13.10 -17.47 33.31
C LEU A 98 12.65 -16.06 33.66
N SER A 99 12.52 -15.79 34.96
CA SER A 99 12.19 -14.44 35.42
C SER A 99 13.34 -13.51 35.08
N GLY A 100 14.55 -13.89 35.50
CA GLY A 100 15.73 -13.10 35.22
C GLY A 100 16.00 -13.00 33.73
N ARG A 101 15.80 -14.10 33.02
CA ARG A 101 15.99 -14.15 31.58
C ARG A 101 15.01 -13.24 30.81
N ALA A 102 13.74 -13.24 31.20
CA ALA A 102 12.76 -12.36 30.58
C ALA A 102 13.18 -10.89 30.69
N LYS A 103 13.64 -10.52 31.89
CA LYS A 103 14.06 -9.15 32.13
C LYS A 103 15.36 -8.80 31.41
N ASP A 104 16.24 -9.79 31.23
CA ASP A 104 17.49 -9.60 30.50
C ASP A 104 17.25 -9.36 29.01
N LEU A 105 16.41 -10.18 28.40
CA LEU A 105 16.09 -9.99 26.98
C LEU A 105 15.35 -8.67 26.79
N GLY A 106 14.48 -8.33 27.74
CA GLY A 106 13.77 -7.07 27.70
C GLY A 106 14.68 -5.86 27.78
N SER A 107 15.70 -5.93 28.62
CA SER A 107 16.59 -4.79 28.86
C SER A 107 17.52 -4.59 27.68
N ALA A 108 17.91 -5.70 27.06
CA ALA A 108 18.74 -5.66 25.86
C ALA A 108 18.00 -4.89 24.79
N ALA A 109 16.76 -5.27 24.50
CA ALA A 109 15.92 -4.55 23.53
C ALA A 109 15.85 -3.03 23.76
N VAL A 110 15.83 -2.62 25.02
CA VAL A 110 15.81 -1.19 25.37
C VAL A 110 17.14 -0.52 25.05
N LEU A 111 18.24 -1.20 25.33
CA LEU A 111 19.55 -0.63 25.08
C LEU A 111 19.85 -0.51 23.58
N ILE A 112 19.42 -1.49 22.79
CA ILE A 112 19.57 -1.44 21.35
C ILE A 112 18.88 -0.22 20.77
N ALA A 113 17.60 -0.03 21.08
CA ALA A 113 16.85 1.11 20.60
C ALA A 113 17.48 2.46 21.00
N ILE A 114 18.04 2.52 22.19
CA ILE A 114 18.63 3.75 22.72
C ILE A 114 19.94 4.10 22.00
N ILE A 115 20.77 3.08 21.78
CA ILE A 115 22.00 3.22 21.00
C ILE A 115 21.71 3.59 19.55
N ASP A 116 20.74 2.90 18.96
CA ASP A 116 20.31 3.18 17.60
C ASP A 116 19.80 4.62 17.45
N ALA A 117 19.20 5.17 18.50
CA ALA A 117 18.73 6.56 18.44
C ALA A 117 19.89 7.55 18.55
N VAL A 118 20.84 7.23 19.42
CA VAL A 118 22.00 8.09 19.65
C VAL A 118 22.84 8.19 18.38
N ILE A 119 23.09 7.04 17.77
CA ILE A 119 23.86 6.94 16.54
C ILE A 119 23.18 7.63 15.37
N THR A 120 21.87 7.38 15.20
CA THR A 120 21.07 8.02 14.18
C THR A 120 21.17 9.54 14.30
N TRP A 121 21.07 10.04 15.53
CA TRP A 121 21.20 11.46 15.78
C TRP A 121 22.61 11.97 15.49
N ALA A 122 23.61 11.17 15.84
CA ALA A 122 25.00 11.54 15.60
C ALA A 122 25.30 11.57 14.09
N ILE A 123 24.87 10.54 13.37
CA ILE A 123 25.09 10.47 11.93
C ILE A 123 24.40 11.62 11.18
N LEU A 124 23.12 11.84 11.48
CA LEU A 124 22.35 12.86 10.77
C LEU A 124 22.71 14.30 11.10
N LEU A 125 23.10 14.57 12.35
CA LEU A 125 23.44 15.93 12.73
C LEU A 125 24.86 16.25 12.28
N TRP A 126 25.69 15.23 12.14
CA TRP A 126 27.02 15.41 11.60
C TRP A 126 26.95 15.71 10.10
N SER A 127 26.01 15.06 9.42
CA SER A 127 25.81 15.30 7.99
C SER A 127 25.18 16.66 7.74
N HIS A 128 24.33 17.11 8.66
CA HIS A 128 23.69 18.41 8.55
C HIS A 128 24.63 19.57 8.87
N PHE A 129 25.52 19.35 9.84
CA PHE A 129 26.47 20.37 10.26
C PHE A 129 27.88 20.03 9.79
N GLY A 130 28.29 20.62 8.67
CA GLY A 130 29.63 20.43 8.14
C GLY A 130 29.83 19.10 7.42
N ALA B 32 -3.40 -19.27 13.50
CA ALA B 32 -3.81 -17.88 13.28
C ALA B 32 -5.29 -17.67 13.58
N ALA B 33 -5.71 -18.06 14.77
CA ALA B 33 -7.10 -17.89 15.19
C ALA B 33 -7.37 -16.46 15.64
N TRP B 34 -6.30 -15.67 15.75
CA TRP B 34 -6.42 -14.29 16.21
C TRP B 34 -6.78 -13.32 15.09
N ILE B 35 -6.45 -13.72 13.85
CA ILE B 35 -6.70 -12.86 12.70
C ILE B 35 -8.17 -12.91 12.27
N ASN B 36 -8.94 -13.75 12.96
CA ASN B 36 -10.36 -13.88 12.71
C ASN B 36 -11.21 -13.10 13.71
N GLU B 37 -10.59 -12.16 14.41
CA GLU B 37 -11.28 -11.35 15.40
C GLU B 37 -11.50 -9.92 14.90
N ALA B 38 -12.61 -9.32 15.29
CA ALA B 38 -12.99 -7.99 14.81
C ALA B 38 -11.97 -6.92 15.19
N ALA B 39 -11.34 -7.09 16.35
CA ALA B 39 -10.37 -6.12 16.85
C ALA B 39 -9.13 -6.03 15.96
N PHE B 40 -8.53 -7.19 15.67
CA PHE B 40 -7.34 -7.24 14.83
C PHE B 40 -7.66 -6.97 13.37
N ARG B 41 -8.85 -7.35 12.93
CA ARG B 41 -9.25 -7.14 11.55
C ARG B 41 -9.37 -5.65 11.22
N GLN B 42 -9.98 -4.90 12.12
CA GLN B 42 -10.15 -3.45 11.92
C GLN B 42 -8.81 -2.71 11.97
N GLU B 43 -7.92 -3.16 12.86
CA GLU B 43 -6.58 -2.57 12.97
C GLU B 43 -5.69 -3.02 11.82
N GLY B 44 -5.81 -4.29 11.44
CA GLY B 44 -5.02 -4.85 10.37
C GLY B 44 -5.38 -4.27 9.01
N VAL B 45 -6.67 -4.05 8.77
CA VAL B 45 -7.13 -3.56 7.48
C VAL B 45 -6.73 -2.09 7.29
N ALA B 46 -6.65 -1.35 8.39
CA ALA B 46 -6.21 0.04 8.34
C ALA B 46 -4.73 0.13 7.95
N VAL B 47 -3.90 -0.66 8.61
CA VAL B 47 -2.47 -0.73 8.29
C VAL B 47 -2.26 -1.19 6.84
N LEU B 48 -3.06 -2.16 6.43
CA LEU B 48 -2.96 -2.69 5.08
C LEU B 48 -3.28 -1.64 4.01
N LEU B 49 -4.31 -0.83 4.26
CA LEU B 49 -4.67 0.22 3.32
C LEU B 49 -3.57 1.26 3.19
N CYS B 50 -3.00 1.65 4.32
CA CYS B 50 -1.92 2.63 4.33
C CYS B 50 -0.69 2.16 3.56
N VAL B 51 -0.40 0.86 3.63
CA VAL B 51 0.70 0.27 2.89
C VAL B 51 0.40 0.25 1.39
N VAL B 52 -0.86 0.02 1.04
CA VAL B 52 -1.27 0.01 -0.36
C VAL B 52 -1.29 1.43 -0.93
N ILE B 53 -1.68 2.40 -0.12
CA ILE B 53 -1.67 3.79 -0.56
C ILE B 53 -0.24 4.27 -0.75
N ALA B 54 0.61 3.97 0.21
CA ALA B 54 2.03 4.31 0.14
C ALA B 54 2.70 3.70 -1.08
N ALA B 55 2.22 2.54 -1.49
CA ALA B 55 2.81 1.80 -2.59
C ALA B 55 2.47 2.49 -3.91
N TRP B 56 1.42 3.30 -3.88
CA TRP B 56 0.88 3.89 -5.09
C TRP B 56 1.20 5.38 -5.20
N LEU B 57 1.59 5.98 -4.09
CA LEU B 57 1.91 7.41 -4.05
C LEU B 57 3.14 7.72 -4.90
N ASP B 58 3.16 8.93 -5.46
CA ASP B 58 4.31 9.39 -6.21
C ASP B 58 5.27 10.12 -5.28
N VAL B 59 6.11 9.35 -4.61
CA VAL B 59 7.10 9.91 -3.68
C VAL B 59 8.46 9.24 -3.91
N ASP B 60 9.50 9.80 -3.33
CA ASP B 60 10.83 9.21 -3.42
C ASP B 60 10.89 7.93 -2.58
N ALA B 61 11.99 7.19 -2.72
CA ALA B 61 12.11 5.88 -2.11
C ALA B 61 12.17 5.92 -0.59
N VAL B 62 12.97 6.82 -0.04
CA VAL B 62 13.11 6.92 1.41
C VAL B 62 11.83 7.40 2.07
N THR B 63 11.05 8.20 1.35
CA THR B 63 9.77 8.65 1.87
C THR B 63 8.82 7.48 1.92
N ARG B 64 8.83 6.68 0.85
CA ARG B 64 7.92 5.54 0.77
C ARG B 64 8.20 4.51 1.86
N VAL B 65 9.48 4.27 2.12
CA VAL B 65 9.91 3.33 3.14
C VAL B 65 9.42 3.78 4.51
N LEU B 66 9.46 5.09 4.75
CA LEU B 66 9.04 5.69 6.02
C LEU B 66 7.54 5.64 6.28
N LEU B 67 6.76 5.91 5.25
CA LEU B 67 5.32 5.82 5.34
C LEU B 67 4.89 4.39 5.68
N ILE B 68 5.53 3.43 5.02
CA ILE B 68 5.18 2.02 5.15
C ILE B 68 5.59 1.45 6.51
N SER B 69 6.82 1.73 6.93
CA SER B 69 7.34 1.15 8.15
C SER B 69 6.73 1.77 9.42
N SER B 70 6.22 3.00 9.32
CA SER B 70 5.58 3.64 10.47
C SER B 70 4.24 2.99 10.80
N VAL B 71 3.45 2.67 9.77
CA VAL B 71 2.16 2.02 10.03
C VAL B 71 2.37 0.54 10.35
N MET B 72 3.44 -0.04 9.83
CA MET B 72 3.75 -1.42 10.18
C MET B 72 4.27 -1.53 11.61
N LEU B 73 4.84 -0.45 12.13
CA LEU B 73 5.27 -0.44 13.52
C LEU B 73 4.05 -0.44 14.45
N VAL B 74 2.99 0.27 14.06
CA VAL B 74 1.74 0.22 14.81
C VAL B 74 1.28 -1.23 14.96
N MET B 75 1.27 -1.95 13.84
CA MET B 75 0.85 -3.36 13.83
C MET B 75 1.73 -4.24 14.72
N ILE B 76 3.04 -4.07 14.63
CA ILE B 76 3.98 -4.81 15.45
C ILE B 76 3.70 -4.61 16.93
N VAL B 77 3.68 -3.35 17.35
CA VAL B 77 3.45 -3.00 18.73
C VAL B 77 2.08 -3.49 19.20
N GLU B 78 1.07 -3.33 18.36
CA GLU B 78 -0.26 -3.78 18.70
C GLU B 78 -0.31 -5.31 18.92
N LEU B 79 0.51 -6.04 18.18
CA LEU B 79 0.64 -7.49 18.38
C LEU B 79 1.40 -7.84 19.65
N LEU B 80 2.44 -7.07 19.97
CA LEU B 80 3.18 -7.31 21.21
C LEU B 80 2.32 -6.99 22.43
N ASN B 81 1.49 -5.97 22.32
CA ASN B 81 0.58 -5.56 23.38
C ASN B 81 -0.49 -6.62 23.67
N SER B 82 -0.93 -7.36 22.64
CA SER B 82 -1.94 -8.38 22.82
C SER B 82 -1.28 -9.66 23.35
N ALA B 83 -0.02 -9.86 22.98
CA ALA B 83 0.75 -10.96 23.52
C ALA B 83 0.84 -10.81 25.03
N ILE B 84 1.23 -9.62 25.48
CA ILE B 84 1.35 -9.35 26.91
C ILE B 84 0.01 -9.49 27.64
N GLU B 85 -1.04 -8.93 27.04
CA GLU B 85 -2.39 -9.09 27.57
C GLU B 85 -2.78 -10.57 27.73
N ALA B 86 -2.35 -11.38 26.77
CA ALA B 86 -2.62 -12.82 26.80
C ALA B 86 -1.90 -13.50 27.96
N VAL B 87 -0.64 -13.13 28.18
CA VAL B 87 0.13 -13.68 29.30
C VAL B 87 -0.53 -13.33 30.63
N VAL B 88 -1.00 -12.09 30.76
CA VAL B 88 -1.67 -11.64 31.98
C VAL B 88 -2.93 -12.48 32.25
N ASP B 89 -3.80 -12.58 31.27
CA ASP B 89 -5.01 -13.40 31.35
C ASP B 89 -4.70 -14.88 31.62
N ARG B 90 -3.54 -15.31 31.16
CA ARG B 90 -3.06 -16.67 31.41
C ARG B 90 -2.89 -16.94 32.91
N ILE B 91 -2.39 -15.93 33.62
CA ILE B 91 -2.12 -16.06 35.05
C ILE B 91 -3.40 -16.29 35.84
N GLY B 92 -4.44 -15.52 35.52
CA GLY B 92 -5.75 -15.72 36.13
C GLY B 92 -6.69 -14.55 35.91
N SER B 93 -7.93 -14.70 36.38
CA SER B 93 -8.93 -13.65 36.25
C SER B 93 -8.93 -12.72 37.47
N GLU B 94 -8.25 -13.16 38.53
CA GLU B 94 -8.07 -12.32 39.70
C GLU B 94 -7.31 -11.05 39.36
N TYR B 95 -7.76 -9.92 39.88
CA TYR B 95 -7.09 -8.65 39.60
C TYR B 95 -5.90 -8.39 40.51
N HIS B 96 -4.84 -7.89 39.93
CA HIS B 96 -3.64 -7.51 40.65
C HIS B 96 -3.17 -6.21 40.00
N GLU B 97 -2.60 -5.32 40.80
CA GLU B 97 -2.17 -4.00 40.35
C GLU B 97 -1.18 -4.05 39.18
N LEU B 98 -0.27 -5.02 39.24
CA LEU B 98 0.72 -5.20 38.20
C LEU B 98 0.11 -5.77 36.93
N SER B 99 -1.05 -6.42 37.06
CA SER B 99 -1.74 -6.92 35.87
C SER B 99 -2.30 -5.76 35.06
N GLY B 100 -2.95 -4.83 35.76
CA GLY B 100 -3.47 -3.65 35.10
C GLY B 100 -2.36 -2.78 34.58
N ARG B 101 -1.26 -2.72 35.31
CA ARG B 101 -0.13 -1.88 34.94
C ARG B 101 0.52 -2.39 33.67
N ALA B 102 0.67 -3.71 33.59
CA ALA B 102 1.23 -4.34 32.39
C ALA B 102 0.36 -4.02 31.16
N LYS B 103 -0.95 -4.15 31.32
CA LYS B 103 -1.87 -3.85 30.22
C LYS B 103 -1.90 -2.37 29.83
N ASP B 104 -1.82 -1.48 30.81
CA ASP B 104 -1.81 -0.03 30.57
C ASP B 104 -0.54 0.42 29.84
N LEU B 105 0.61 -0.09 30.29
CA LEU B 105 1.89 0.24 29.68
C LEU B 105 1.93 -0.28 28.26
N GLY B 106 1.27 -1.39 28.01
CA GLY B 106 1.19 -1.95 26.67
C GLY B 106 0.35 -1.05 25.78
N SER B 107 -0.77 -0.58 26.33
CA SER B 107 -1.66 0.34 25.61
C SER B 107 -0.97 1.68 25.32
N ALA B 108 -0.10 2.11 26.23
CA ALA B 108 0.60 3.38 26.07
C ALA B 108 1.60 3.27 24.93
N ALA B 109 2.24 2.12 24.82
CA ALA B 109 3.18 1.81 23.74
C ALA B 109 2.50 1.90 22.37
N VAL B 110 1.32 1.31 22.26
CA VAL B 110 0.54 1.37 21.04
C VAL B 110 0.23 2.82 20.68
N LEU B 111 -0.15 3.60 21.70
CA LEU B 111 -0.51 5.00 21.50
C LEU B 111 0.65 5.83 20.92
N ILE B 112 1.84 5.64 21.47
CA ILE B 112 3.03 6.34 21.00
C ILE B 112 3.36 5.93 19.57
N ALA B 113 3.18 4.64 19.26
CA ALA B 113 3.43 4.16 17.90
C ALA B 113 2.44 4.84 16.92
N ILE B 114 1.17 4.90 17.29
CA ILE B 114 0.17 5.57 16.47
C ILE B 114 0.50 7.05 16.25
N ILE B 115 0.93 7.73 17.31
CA ILE B 115 1.30 9.13 17.21
C ILE B 115 2.45 9.31 16.23
N ASP B 116 3.45 8.43 16.34
CA ASP B 116 4.60 8.43 15.45
C ASP B 116 4.19 8.20 13.99
N ALA B 117 3.18 7.36 13.76
CA ALA B 117 2.73 7.12 12.40
C ALA B 117 2.00 8.35 11.86
N VAL B 118 1.15 8.96 12.68
CA VAL B 118 0.45 10.18 12.27
C VAL B 118 1.44 11.30 12.02
N ILE B 119 2.45 11.42 12.88
CA ILE B 119 3.46 12.46 12.71
C ILE B 119 4.25 12.24 11.41
N THR B 120 4.66 11.00 11.18
CA THR B 120 5.39 10.63 9.98
C THR B 120 4.61 11.00 8.70
N TRP B 121 3.37 10.55 8.61
CA TRP B 121 2.54 10.85 7.44
C TRP B 121 2.27 12.33 7.26
N ALA B 122 2.12 13.04 8.38
CA ALA B 122 1.87 14.49 8.36
C ALA B 122 3.06 15.25 7.78
N ILE B 123 4.25 14.99 8.32
CA ILE B 123 5.47 15.66 7.89
C ILE B 123 5.83 15.36 6.45
N LEU B 124 5.64 14.10 6.06
CA LEU B 124 6.02 13.66 4.72
C LEU B 124 5.05 14.07 3.62
N LEU B 125 3.75 14.07 3.91
CA LEU B 125 2.76 14.37 2.89
C LEU B 125 2.35 15.84 2.88
N TRP B 126 2.76 16.59 3.90
CA TRP B 126 2.57 18.03 3.89
C TRP B 126 3.44 18.60 2.78
N SER B 127 4.67 18.11 2.73
CA SER B 127 5.65 18.53 1.74
C SER B 127 5.27 18.05 0.33
N HIS B 128 4.56 16.93 0.28
CA HIS B 128 4.18 16.29 -0.97
C HIS B 128 3.31 17.18 -1.85
N PHE B 129 2.53 18.05 -1.22
CA PHE B 129 1.69 18.98 -1.95
C PHE B 129 2.51 20.07 -2.63
N ARG C 41 22.46 -18.89 18.13
CA ARG C 41 22.79 -17.47 18.21
C ARG C 41 23.38 -16.97 16.89
N GLN C 42 22.92 -17.54 15.79
CA GLN C 42 23.40 -17.18 14.46
C GLN C 42 22.70 -15.92 13.96
N GLU C 43 21.78 -15.40 14.76
CA GLU C 43 21.00 -14.23 14.37
C GLU C 43 21.86 -12.97 14.33
N GLY C 44 22.90 -12.95 15.15
CA GLY C 44 23.82 -11.82 15.18
C GLY C 44 24.69 -11.77 13.93
N VAL C 45 24.89 -12.92 13.30
CA VAL C 45 25.64 -12.99 12.05
C VAL C 45 24.89 -12.23 10.95
N ALA C 46 23.59 -12.48 10.86
CA ALA C 46 22.74 -11.82 9.88
C ALA C 46 22.81 -10.29 10.03
N VAL C 47 22.82 -9.84 11.27
CA VAL C 47 22.85 -8.41 11.55
C VAL C 47 24.19 -7.78 11.16
N LEU C 48 25.28 -8.43 11.55
CA LEU C 48 26.61 -7.95 11.22
C LEU C 48 26.81 -7.85 9.70
N LEU C 49 26.36 -8.90 9.00
CA LEU C 49 26.46 -8.94 7.54
C LEU C 49 25.73 -7.79 6.89
N CYS C 50 24.55 -7.47 7.41
CA CYS C 50 23.77 -6.34 6.88
C CYS C 50 24.52 -5.03 7.05
N VAL C 51 25.10 -4.81 8.24
CA VAL C 51 25.83 -3.59 8.53
C VAL C 51 27.07 -3.47 7.64
N VAL C 52 27.72 -4.61 7.38
CA VAL C 52 28.88 -4.65 6.50
C VAL C 52 28.47 -4.29 5.08
N ILE C 53 27.37 -4.88 4.61
CA ILE C 53 26.85 -4.60 3.27
C ILE C 53 26.42 -3.15 3.13
N ALA C 54 25.72 -2.64 4.14
CA ALA C 54 25.29 -1.24 4.15
C ALA C 54 26.47 -0.27 4.11
N ALA C 55 27.52 -0.59 4.85
CA ALA C 55 28.73 0.22 4.84
C ALA C 55 29.47 0.07 3.51
N TRP C 56 29.45 -1.14 2.96
CA TRP C 56 30.12 -1.43 1.69
C TRP C 56 29.45 -0.71 0.52
N LEU C 57 28.13 -0.60 0.57
CA LEU C 57 27.39 0.11 -0.47
C LEU C 57 27.63 1.61 -0.38
N ASP C 58 27.67 2.27 -1.53
CA ASP C 58 27.91 3.70 -1.58
C ASP C 58 26.61 4.49 -1.53
N VAL C 59 25.99 4.51 -0.36
CA VAL C 59 24.70 5.17 -0.19
C VAL C 59 24.84 6.37 0.73
N ASP C 60 23.90 7.31 0.62
CA ASP C 60 23.87 8.45 1.52
C ASP C 60 23.59 8.03 2.97
N ALA C 61 23.75 8.97 3.88
CA ALA C 61 23.55 8.75 5.31
C ALA C 61 22.13 8.30 5.67
N VAL C 62 21.13 8.88 5.02
CA VAL C 62 19.74 8.58 5.34
C VAL C 62 19.41 7.14 4.96
N THR C 63 19.76 6.77 3.73
CA THR C 63 19.58 5.41 3.24
C THR C 63 20.25 4.39 4.15
N ARG C 64 21.49 4.67 4.56
CA ARG C 64 22.23 3.77 5.43
C ARG C 64 21.57 3.63 6.80
N VAL C 65 20.99 4.71 7.31
CA VAL C 65 20.27 4.69 8.59
C VAL C 65 19.01 3.81 8.50
N LEU C 66 18.29 3.90 7.40
CA LEU C 66 17.10 3.06 7.18
C LEU C 66 17.44 1.59 7.00
N LEU C 67 18.50 1.32 6.24
CA LEU C 67 18.89 -0.07 6.02
C LEU C 67 19.22 -0.74 7.36
N ILE C 68 19.98 -0.04 8.18
CA ILE C 68 20.42 -0.59 9.46
C ILE C 68 19.31 -0.56 10.51
N SER C 69 18.51 0.51 10.54
CA SER C 69 17.38 0.59 11.48
C SER C 69 16.40 -0.57 11.30
N SER C 70 16.06 -0.86 10.06
CA SER C 70 15.12 -1.93 9.76
C SER C 70 15.64 -3.28 10.28
N VAL C 71 16.95 -3.50 10.17
CA VAL C 71 17.55 -4.71 10.70
C VAL C 71 17.54 -4.68 12.23
N MET C 72 17.79 -3.50 12.80
CA MET C 72 17.80 -3.32 14.23
C MET C 72 16.40 -3.53 14.83
N LEU C 73 15.37 -3.10 14.11
CA LEU C 73 14.00 -3.28 14.58
C LEU C 73 13.69 -4.79 14.71
N VAL C 74 14.04 -5.55 13.68
CA VAL C 74 13.89 -7.00 13.72
C VAL C 74 14.51 -7.58 15.00
N MET C 75 15.72 -7.17 15.31
CA MET C 75 16.43 -7.62 16.51
C MET C 75 15.69 -7.25 17.80
N ILE C 76 15.10 -6.06 17.83
CA ILE C 76 14.39 -5.57 19.01
C ILE C 76 13.13 -6.41 19.28
N VAL C 77 12.36 -6.61 18.22
CA VAL C 77 11.11 -7.36 18.26
C VAL C 77 11.32 -8.84 18.58
N GLU C 78 12.41 -9.42 18.08
CA GLU C 78 12.78 -10.78 18.44
C GLU C 78 13.11 -10.93 19.92
N LEU C 79 13.86 -9.97 20.47
CA LEU C 79 14.22 -10.01 21.88
C LEU C 79 12.99 -9.83 22.77
N LEU C 80 12.09 -8.93 22.38
CA LEU C 80 10.84 -8.73 23.09
C LEU C 80 9.94 -9.98 22.99
N ASN C 81 9.93 -10.60 21.82
CA ASN C 81 9.20 -11.85 21.63
C ASN C 81 9.76 -12.98 22.51
N SER C 82 11.08 -13.12 22.56
CA SER C 82 11.72 -14.14 23.42
C SER C 82 11.45 -13.90 24.91
N ALA C 83 11.34 -12.64 25.31
CA ALA C 83 11.04 -12.29 26.69
C ALA C 83 9.65 -12.79 27.05
N ILE C 84 8.69 -12.52 26.18
CA ILE C 84 7.31 -12.94 26.38
C ILE C 84 7.20 -14.46 26.50
N GLU C 85 7.89 -15.20 25.63
CA GLU C 85 7.82 -16.66 25.69
C GLU C 85 8.56 -17.21 26.91
N ALA C 86 9.56 -16.47 27.39
CA ALA C 86 10.24 -16.83 28.63
C ALA C 86 9.26 -16.74 29.80
N VAL C 87 8.43 -15.70 29.79
CA VAL C 87 7.40 -15.53 30.83
C VAL C 87 6.34 -16.62 30.76
N VAL C 88 5.92 -16.96 29.54
CA VAL C 88 4.95 -18.03 29.33
C VAL C 88 5.45 -19.36 29.89
N ASP C 89 6.73 -19.65 29.68
CA ASP C 89 7.34 -20.88 30.17
C ASP C 89 7.61 -20.80 31.68
N ARG C 90 7.65 -19.58 32.21
CA ARG C 90 7.81 -19.35 33.65
C ARG C 90 6.52 -19.68 34.39
N ILE C 91 5.37 -19.38 33.78
CA ILE C 91 4.09 -19.67 34.38
C ILE C 91 3.86 -21.17 34.49
N GLY C 92 4.09 -21.87 33.38
CA GLY C 92 3.91 -23.30 33.33
C GLY C 92 4.32 -23.88 32.00
N SER C 93 4.57 -25.18 31.98
CA SER C 93 4.99 -25.87 30.77
C SER C 93 3.80 -26.51 30.08
N GLU C 94 2.73 -26.74 30.83
CA GLU C 94 1.51 -27.33 30.29
C GLU C 94 0.87 -26.40 29.27
N TYR C 95 0.12 -26.97 28.34
CA TYR C 95 -0.52 -26.18 27.30
C TYR C 95 -1.74 -25.44 27.84
N HIS C 96 -1.98 -24.26 27.27
CA HIS C 96 -3.11 -23.43 27.63
C HIS C 96 -3.43 -22.55 26.43
N GLU C 97 -4.71 -22.26 26.23
CA GLU C 97 -5.18 -21.46 25.10
C GLU C 97 -4.50 -20.08 25.03
N LEU C 98 -4.21 -19.50 26.19
CA LEU C 98 -3.66 -18.16 26.25
C LEU C 98 -2.14 -18.13 26.09
N SER C 99 -1.48 -19.23 26.45
CA SER C 99 -0.04 -19.36 26.26
C SER C 99 0.31 -19.48 24.78
N GLY C 100 -0.40 -20.35 24.07
CA GLY C 100 -0.24 -20.47 22.63
C GLY C 100 -0.56 -19.14 21.98
N ARG C 101 -1.69 -18.55 22.37
CA ARG C 101 -2.08 -17.23 21.87
C ARG C 101 -0.98 -16.18 22.06
N ALA C 102 -0.34 -16.18 23.22
CA ALA C 102 0.76 -15.25 23.45
C ALA C 102 1.93 -15.50 22.49
N LYS C 103 2.33 -16.75 22.32
CA LYS C 103 3.45 -17.06 21.43
C LYS C 103 3.11 -16.78 19.96
N ASP C 104 1.88 -17.09 19.56
CA ASP C 104 1.46 -16.84 18.19
C ASP C 104 1.45 -15.35 17.86
N LEU C 105 1.06 -14.52 18.83
CA LEU C 105 1.03 -13.09 18.62
C LEU C 105 2.44 -12.50 18.57
N GLY C 106 3.31 -13.02 19.43
CA GLY C 106 4.70 -12.62 19.41
C GLY C 106 5.38 -12.98 18.10
N SER C 107 5.15 -14.20 17.62
CA SER C 107 5.76 -14.64 16.37
C SER C 107 5.27 -13.82 15.17
N ALA C 108 3.99 -13.49 15.17
CA ALA C 108 3.42 -12.69 14.09
C ALA C 108 4.12 -11.32 14.02
N ALA C 109 4.39 -10.73 15.17
CA ALA C 109 5.11 -9.47 15.26
C ALA C 109 6.50 -9.54 14.59
N VAL C 110 7.26 -10.57 14.93
CA VAL C 110 8.57 -10.79 14.33
C VAL C 110 8.45 -10.89 12.82
N LEU C 111 7.46 -11.63 12.36
CA LEU C 111 7.19 -11.77 10.93
C LEU C 111 6.93 -10.40 10.30
N ILE C 112 6.05 -9.61 10.91
CA ILE C 112 5.77 -8.28 10.39
C ILE C 112 7.07 -7.43 10.30
N ALA C 113 7.91 -7.50 11.33
CA ALA C 113 9.16 -6.74 11.31
C ALA C 113 10.09 -7.25 10.21
N ILE C 114 10.06 -8.55 9.96
CA ILE C 114 10.89 -9.13 8.92
C ILE C 114 10.44 -8.67 7.54
N ILE C 115 9.12 -8.77 7.28
CA ILE C 115 8.53 -8.26 6.05
C ILE C 115 8.88 -6.80 5.81
N ASP C 116 8.84 -6.00 6.87
CA ASP C 116 9.13 -4.58 6.78
C ASP C 116 10.61 -4.35 6.46
N ALA C 117 11.47 -5.23 6.95
CA ALA C 117 12.91 -5.11 6.70
C ALA C 117 13.20 -5.42 5.23
N VAL C 118 12.52 -6.45 4.72
CA VAL C 118 12.72 -6.88 3.34
C VAL C 118 12.19 -5.85 2.34
N ILE C 119 11.06 -5.23 2.65
CA ILE C 119 10.48 -4.19 1.80
C ILE C 119 11.42 -2.98 1.73
N THR C 120 11.95 -2.60 2.89
CA THR C 120 12.89 -1.50 3.01
C THR C 120 14.14 -1.71 2.16
N TRP C 121 14.79 -2.86 2.32
CA TRP C 121 15.96 -3.17 1.53
C TRP C 121 15.64 -3.22 0.04
N ALA C 122 14.54 -3.87 -0.33
CA ALA C 122 14.13 -3.93 -1.73
C ALA C 122 13.94 -2.53 -2.31
N ILE C 123 13.12 -1.71 -1.64
CA ILE C 123 12.85 -0.37 -2.13
C ILE C 123 14.11 0.48 -2.25
N LEU C 124 14.93 0.49 -1.21
CA LEU C 124 16.15 1.31 -1.19
C LEU C 124 17.23 0.85 -2.18
N LEU C 125 17.39 -0.47 -2.32
CA LEU C 125 18.38 -0.98 -3.25
C LEU C 125 17.94 -0.78 -4.70
N TRP C 126 16.64 -0.90 -4.93
CA TRP C 126 16.09 -0.61 -6.24
C TRP C 126 16.31 0.84 -6.60
N SER C 127 16.20 1.73 -5.60
CA SER C 127 16.39 3.13 -5.88
C SER C 127 17.86 3.45 -6.11
N HIS C 128 18.72 2.83 -5.31
CA HIS C 128 20.16 3.05 -5.44
C HIS C 128 20.72 2.59 -6.79
N PHE C 129 20.17 1.51 -7.33
CA PHE C 129 20.65 0.91 -8.55
C PHE C 129 19.78 1.25 -9.76
N GLY C 130 18.79 2.12 -9.56
CA GLY C 130 17.93 2.56 -10.63
C GLY C 130 18.65 3.47 -11.62
N ALA D 23 2.12 -5.55 -37.77
CA ALA D 23 1.37 -5.26 -36.56
C ALA D 23 2.27 -5.20 -35.32
N GLY D 24 1.68 -4.82 -34.19
CA GLY D 24 2.41 -4.73 -32.94
C GLY D 24 2.63 -6.08 -32.28
N TYR D 25 3.69 -6.19 -31.50
CA TYR D 25 4.00 -7.41 -30.76
C TYR D 25 3.81 -7.22 -29.28
N SER D 26 2.85 -7.96 -28.73
CA SER D 26 2.40 -7.79 -27.35
C SER D 26 3.47 -7.96 -26.28
N TRP D 27 4.21 -9.06 -26.33
CA TRP D 27 5.16 -9.39 -25.27
C TRP D 27 6.40 -8.52 -25.35
N LYS D 28 6.93 -8.36 -26.58
CA LYS D 28 7.97 -7.39 -26.87
C LYS D 28 7.59 -6.01 -26.33
N GLY D 29 6.31 -5.66 -26.49
CA GLY D 29 5.77 -4.42 -25.94
C GLY D 29 5.82 -4.34 -24.42
N LEU D 30 5.47 -5.42 -23.74
CA LEU D 30 5.51 -5.43 -22.27
C LEU D 30 6.94 -5.31 -21.77
N ARG D 31 7.85 -6.00 -22.44
CA ARG D 31 9.25 -5.94 -22.04
C ARG D 31 9.81 -4.53 -22.22
N ALA D 32 9.55 -3.93 -23.38
CA ALA D 32 10.05 -2.59 -23.69
C ALA D 32 9.53 -1.54 -22.71
N ALA D 33 8.25 -1.62 -22.36
CA ALA D 33 7.68 -0.75 -21.32
C ALA D 33 8.44 -0.89 -20.00
N TRP D 34 8.73 -2.14 -19.64
CA TRP D 34 9.43 -2.43 -18.40
C TRP D 34 10.86 -1.91 -18.41
N ILE D 35 11.56 -2.15 -19.51
CA ILE D 35 12.95 -1.71 -19.63
C ILE D 35 13.08 -0.19 -19.65
N ASN D 36 12.12 0.48 -20.29
CA ASN D 36 12.27 1.90 -20.61
C ASN D 36 11.52 2.88 -19.71
N GLU D 37 10.42 2.44 -19.13
CA GLU D 37 9.62 3.34 -18.28
C GLU D 37 9.72 2.94 -16.81
N ALA D 38 10.53 3.69 -16.06
CA ALA D 38 10.68 3.51 -14.62
C ALA D 38 9.33 3.63 -13.90
N ALA D 39 8.49 4.55 -14.38
CA ALA D 39 7.16 4.74 -13.83
C ALA D 39 6.33 3.47 -13.98
N PHE D 40 6.53 2.76 -15.08
CA PHE D 40 5.82 1.50 -15.32
C PHE D 40 6.37 0.39 -14.42
N ARG D 41 7.65 0.47 -14.06
CA ARG D 41 8.23 -0.53 -13.18
C ARG D 41 7.71 -0.34 -11.76
N GLN D 42 7.76 0.89 -11.28
CA GLN D 42 7.18 1.26 -10.00
C GLN D 42 5.73 0.78 -9.88
N GLU D 43 4.90 1.16 -10.85
CA GLU D 43 3.49 0.79 -10.82
C GLU D 43 3.26 -0.72 -10.88
N GLY D 44 4.09 -1.42 -11.64
CA GLY D 44 3.96 -2.85 -11.82
C GLY D 44 4.23 -3.67 -10.57
N VAL D 45 5.17 -3.21 -9.74
CA VAL D 45 5.43 -3.86 -8.47
C VAL D 45 4.25 -3.62 -7.52
N ALA D 46 3.70 -2.41 -7.55
CA ALA D 46 2.50 -2.10 -6.79
C ALA D 46 1.34 -3.01 -7.19
N VAL D 47 1.18 -3.23 -8.49
CA VAL D 47 0.12 -4.12 -8.99
C VAL D 47 0.35 -5.55 -8.50
N LEU D 48 1.60 -6.00 -8.56
CA LEU D 48 1.94 -7.34 -8.09
C LEU D 48 1.69 -7.46 -6.59
N LEU D 49 2.08 -6.45 -5.83
CA LEU D 49 1.85 -6.43 -4.39
C LEU D 49 0.36 -6.56 -4.07
N CYS D 50 -0.46 -5.83 -4.82
CA CYS D 50 -1.89 -5.85 -4.61
C CYS D 50 -2.55 -7.16 -5.05
N VAL D 51 -2.09 -7.73 -6.17
CA VAL D 51 -2.62 -9.00 -6.64
C VAL D 51 -2.35 -10.10 -5.61
N VAL D 52 -1.14 -10.11 -5.07
CA VAL D 52 -0.76 -11.10 -4.06
C VAL D 52 -1.61 -10.96 -2.80
N ILE D 53 -1.88 -9.71 -2.40
CA ILE D 53 -2.71 -9.45 -1.21
C ILE D 53 -4.17 -9.84 -1.45
N ALA D 54 -4.68 -9.52 -2.64
CA ALA D 54 -6.03 -9.90 -3.05
C ALA D 54 -6.25 -11.42 -3.01
N ALA D 55 -5.23 -12.17 -3.39
CA ALA D 55 -5.31 -13.64 -3.39
C ALA D 55 -5.23 -14.20 -1.98
N TRP D 56 -4.57 -13.44 -1.10
CA TRP D 56 -4.38 -13.84 0.30
C TRP D 56 -5.60 -13.51 1.16
N LEU D 57 -6.29 -12.41 0.85
CA LEU D 57 -7.42 -11.95 1.66
C LEU D 57 -8.58 -12.93 1.68
N ASP D 58 -9.32 -12.96 2.79
CA ASP D 58 -10.50 -13.80 2.92
C ASP D 58 -11.71 -13.05 2.40
N VAL D 59 -11.86 -13.00 1.08
CA VAL D 59 -12.97 -12.30 0.46
C VAL D 59 -13.63 -13.20 -0.56
N ASP D 60 -14.90 -12.94 -0.83
CA ASP D 60 -15.64 -13.65 -1.87
C ASP D 60 -15.04 -13.35 -3.25
N ALA D 61 -15.45 -14.12 -4.25
CA ALA D 61 -14.87 -14.03 -5.59
C ALA D 61 -15.14 -12.69 -6.28
N VAL D 62 -16.34 -12.14 -6.06
CA VAL D 62 -16.72 -10.87 -6.67
C VAL D 62 -15.82 -9.73 -6.20
N THR D 63 -15.53 -9.70 -4.90
CA THR D 63 -14.64 -8.71 -4.31
C THR D 63 -13.21 -8.91 -4.81
N ARG D 64 -12.75 -10.16 -4.83
CA ARG D 64 -11.41 -10.46 -5.30
C ARG D 64 -11.20 -10.00 -6.73
N VAL D 65 -12.21 -10.20 -7.58
CA VAL D 65 -12.13 -9.77 -8.98
C VAL D 65 -12.01 -8.25 -9.11
N LEU D 66 -12.78 -7.52 -8.30
CA LEU D 66 -12.73 -6.06 -8.30
C LEU D 66 -11.39 -5.49 -7.83
N LEU D 67 -10.79 -6.14 -6.84
CA LEU D 67 -9.50 -5.70 -6.32
C LEU D 67 -8.42 -5.90 -7.38
N ILE D 68 -8.47 -7.04 -8.07
CA ILE D 68 -7.49 -7.33 -9.10
C ILE D 68 -7.70 -6.46 -10.34
N SER D 69 -8.94 -6.41 -10.83
CA SER D 69 -9.23 -5.63 -12.06
C SER D 69 -8.87 -4.14 -11.92
N SER D 70 -9.15 -3.55 -10.76
CA SER D 70 -8.91 -2.12 -10.59
C SER D 70 -7.44 -1.76 -10.74
N VAL D 71 -6.54 -2.58 -10.19
CA VAL D 71 -5.11 -2.32 -10.34
C VAL D 71 -4.59 -2.72 -11.72
N MET D 72 -5.24 -3.69 -12.35
CA MET D 72 -4.90 -4.10 -13.71
C MET D 72 -5.22 -2.97 -14.68
N LEU D 73 -6.28 -2.23 -14.38
CA LEU D 73 -6.67 -1.11 -15.20
C LEU D 73 -5.53 -0.09 -15.25
N VAL D 74 -4.82 0.06 -14.12
CA VAL D 74 -3.67 0.96 -14.09
C VAL D 74 -2.61 0.56 -15.13
N MET D 75 -2.28 -0.72 -15.18
CA MET D 75 -1.29 -1.23 -16.14
C MET D 75 -1.72 -0.96 -17.57
N ILE D 76 -2.99 -1.20 -17.86
CA ILE D 76 -3.52 -1.03 -19.21
C ILE D 76 -3.38 0.43 -19.65
N VAL D 77 -3.72 1.35 -18.76
CA VAL D 77 -3.71 2.78 -19.06
C VAL D 77 -2.29 3.34 -19.18
N GLU D 78 -1.39 2.83 -18.35
CA GLU D 78 0.02 3.21 -18.43
C GLU D 78 0.63 2.75 -19.76
N LEU D 79 0.25 1.56 -20.23
CA LEU D 79 0.73 1.09 -21.52
C LEU D 79 0.24 1.96 -22.66
N LEU D 80 -1.05 2.33 -22.64
CA LEU D 80 -1.63 3.21 -23.65
C LEU D 80 -1.05 4.63 -23.59
N ASN D 81 -0.73 5.07 -22.38
CA ASN D 81 -0.13 6.38 -22.16
C ASN D 81 1.29 6.41 -22.72
N SER D 82 2.02 5.33 -22.49
CA SER D 82 3.38 5.22 -23.01
C SER D 82 3.42 5.19 -24.53
N ALA D 83 2.43 4.53 -25.15
CA ALA D 83 2.36 4.47 -26.60
C ALA D 83 2.14 5.85 -27.17
N ILE D 84 1.25 6.62 -26.53
CA ILE D 84 0.99 8.00 -26.93
C ILE D 84 2.27 8.85 -26.82
N GLU D 85 3.00 8.65 -25.73
CA GLU D 85 4.31 9.27 -25.50
C GLU D 85 5.30 8.90 -26.61
N ALA D 86 5.32 7.63 -27.01
CA ALA D 86 6.25 7.15 -28.03
C ALA D 86 6.00 7.79 -29.41
N VAL D 87 4.74 8.00 -29.76
CA VAL D 87 4.43 8.60 -31.08
C VAL D 87 4.92 10.04 -31.17
N VAL D 88 4.65 10.84 -30.13
CA VAL D 88 5.03 12.25 -30.14
C VAL D 88 6.53 12.44 -29.97
N ASP D 89 7.18 11.56 -29.21
CA ASP D 89 8.62 11.60 -29.04
C ASP D 89 9.37 11.26 -30.33
N ARG D 90 8.76 10.40 -31.13
CA ARG D 90 9.30 9.98 -32.42
C ARG D 90 9.42 11.16 -33.38
N ILE D 91 8.50 12.11 -33.26
CA ILE D 91 8.48 13.27 -34.13
C ILE D 91 9.71 14.15 -33.89
N GLY D 92 10.06 14.34 -32.63
CA GLY D 92 11.22 15.13 -32.27
C GLY D 92 11.30 15.39 -30.77
N SER D 93 12.51 15.74 -30.31
CA SER D 93 12.73 16.00 -28.89
C SER D 93 12.45 17.45 -28.53
N GLU D 94 12.25 18.29 -29.53
CA GLU D 94 11.91 19.69 -29.31
C GLU D 94 10.49 19.85 -28.78
N TYR D 95 10.30 20.84 -27.91
CA TYR D 95 9.00 21.02 -27.26
C TYR D 95 7.95 21.65 -28.18
N HIS D 96 6.75 21.12 -28.12
CA HIS D 96 5.61 21.64 -28.86
C HIS D 96 4.38 21.55 -27.95
N GLU D 97 3.54 22.58 -27.99
CA GLU D 97 2.35 22.66 -27.16
C GLU D 97 1.47 21.40 -27.24
N LEU D 98 1.25 20.92 -28.46
CA LEU D 98 0.38 19.76 -28.68
C LEU D 98 0.96 18.45 -28.15
N SER D 99 2.28 18.32 -28.17
CA SER D 99 2.96 17.15 -27.60
C SER D 99 2.85 17.17 -26.07
N GLY D 100 3.00 18.37 -25.50
CA GLY D 100 2.88 18.54 -24.07
C GLY D 100 1.45 18.24 -23.66
N ARG D 101 0.49 18.67 -24.47
CA ARG D 101 -0.92 18.43 -24.20
C ARG D 101 -1.26 16.93 -24.25
N ALA D 102 -0.74 16.25 -25.28
CA ALA D 102 -0.93 14.81 -25.39
C ALA D 102 -0.39 14.07 -24.16
N LYS D 103 0.83 14.40 -23.75
CA LYS D 103 1.46 13.71 -22.64
C LYS D 103 0.75 13.97 -21.30
N ASP D 104 0.25 15.20 -21.10
CA ASP D 104 -0.44 15.57 -19.87
C ASP D 104 -1.78 14.84 -19.72
N LEU D 105 -2.52 14.76 -20.82
CA LEU D 105 -3.82 14.11 -20.85
C LEU D 105 -3.67 12.62 -20.56
N GLY D 106 -2.69 12.01 -21.20
CA GLY D 106 -2.37 10.63 -20.94
C GLY D 106 -1.95 10.39 -19.50
N SER D 107 -1.23 11.36 -18.92
CA SER D 107 -0.79 11.23 -17.53
C SER D 107 -1.97 11.36 -16.55
N ALA D 108 -2.92 12.24 -16.88
CA ALA D 108 -4.08 12.44 -16.02
C ALA D 108 -4.92 11.18 -15.96
N ALA D 109 -5.01 10.48 -17.09
CA ALA D 109 -5.75 9.24 -17.18
C ALA D 109 -5.14 8.14 -16.30
N VAL D 110 -3.82 8.12 -16.20
CA VAL D 110 -3.16 7.15 -15.35
C VAL D 110 -3.49 7.47 -13.90
N LEU D 111 -3.45 8.76 -13.58
CA LEU D 111 -3.75 9.25 -12.24
C LEU D 111 -5.15 8.83 -11.79
N ILE D 112 -6.13 8.96 -12.68
CA ILE D 112 -7.50 8.62 -12.37
C ILE D 112 -7.68 7.11 -12.15
N ALA D 113 -7.04 6.32 -13.01
CA ALA D 113 -7.02 4.86 -12.82
C ALA D 113 -6.49 4.50 -11.43
N ILE D 114 -5.40 5.14 -11.02
CA ILE D 114 -4.80 4.86 -9.71
C ILE D 114 -5.73 5.27 -8.56
N ILE D 115 -6.26 6.48 -8.64
CA ILE D 115 -7.23 6.96 -7.66
C ILE D 115 -8.42 6.01 -7.57
N ASP D 116 -8.88 5.53 -8.72
CA ASP D 116 -9.96 4.56 -8.78
C ASP D 116 -9.59 3.25 -8.05
N ALA D 117 -8.36 2.80 -8.23
CA ALA D 117 -7.87 1.58 -7.59
C ALA D 117 -7.80 1.74 -6.07
N VAL D 118 -7.43 2.93 -5.62
CA VAL D 118 -7.25 3.20 -4.20
C VAL D 118 -8.61 3.34 -3.50
N ILE D 119 -9.56 3.99 -4.16
CA ILE D 119 -10.92 4.11 -3.65
C ILE D 119 -11.61 2.74 -3.60
N THR D 120 -11.49 1.99 -4.68
CA THR D 120 -11.99 0.61 -4.75
C THR D 120 -11.48 -0.21 -3.58
N TRP D 121 -10.17 -0.16 -3.35
CA TRP D 121 -9.56 -0.91 -2.27
C TRP D 121 -10.05 -0.44 -0.91
N ALA D 122 -10.16 0.88 -0.73
CA ALA D 122 -10.64 1.43 0.54
C ALA D 122 -12.06 0.98 0.85
N ILE D 123 -12.98 1.20 -0.09
CA ILE D 123 -14.38 0.85 0.12
C ILE D 123 -14.57 -0.64 0.40
N LEU D 124 -14.00 -1.48 -0.45
CA LEU D 124 -14.19 -2.92 -0.36
C LEU D 124 -13.63 -3.51 0.94
N LEU D 125 -12.40 -3.14 1.29
CA LEU D 125 -11.77 -3.69 2.48
C LEU D 125 -12.39 -3.16 3.78
N TRP D 126 -12.67 -1.85 3.81
CA TRP D 126 -13.22 -1.24 5.01
C TRP D 126 -14.64 -1.72 5.34
N SER D 127 -15.42 -2.04 4.31
CA SER D 127 -16.78 -2.55 4.52
C SER D 127 -16.72 -4.02 4.91
N HIS D 128 -15.63 -4.67 4.58
CA HIS D 128 -15.49 -6.10 4.81
C HIS D 128 -14.79 -6.43 6.14
N PHE D 129 -13.83 -5.60 6.53
CA PHE D 129 -13.00 -5.89 7.71
C PHE D 129 -13.03 -4.78 8.76
N GLY D 130 -13.50 -3.60 8.37
CA GLY D 130 -13.53 -2.46 9.27
C GLY D 130 -14.91 -2.23 9.83
N GLU E 43 -12.48 -7.98 -33.85
CA GLU E 43 -12.70 -8.75 -32.62
C GLU E 43 -14.05 -8.42 -32.00
N GLY E 44 -14.80 -7.54 -32.66
CA GLY E 44 -16.12 -7.15 -32.18
C GLY E 44 -17.20 -8.14 -32.53
N VAL E 45 -16.79 -9.32 -33.01
CA VAL E 45 -17.74 -10.36 -33.37
C VAL E 45 -17.84 -11.40 -32.27
N ALA E 46 -16.80 -11.46 -31.43
CA ALA E 46 -16.74 -12.46 -30.37
C ALA E 46 -17.30 -11.94 -29.04
N VAL E 47 -17.40 -10.62 -28.93
CA VAL E 47 -17.90 -9.99 -27.71
C VAL E 47 -19.38 -10.29 -27.47
N LEU E 48 -20.20 -10.13 -28.51
CA LEU E 48 -21.64 -10.34 -28.40
C LEU E 48 -21.93 -11.79 -27.99
N LEU E 49 -21.06 -12.70 -28.39
CA LEU E 49 -21.15 -14.10 -28.00
C LEU E 49 -20.98 -14.25 -26.49
N CYS E 50 -20.05 -13.48 -25.92
CA CYS E 50 -19.79 -13.53 -24.49
C CYS E 50 -20.88 -12.82 -23.69
N VAL E 51 -21.50 -11.83 -24.31
CA VAL E 51 -22.55 -11.04 -23.66
C VAL E 51 -23.85 -11.84 -23.53
N VAL E 52 -24.26 -12.48 -24.62
CA VAL E 52 -25.51 -13.23 -24.63
C VAL E 52 -25.44 -14.44 -23.69
N ILE E 53 -24.23 -14.96 -23.46
CA ILE E 53 -24.08 -16.10 -22.56
C ILE E 53 -23.84 -15.64 -21.12
N ALA E 54 -23.58 -14.34 -20.96
CA ALA E 54 -23.45 -13.76 -19.63
C ALA E 54 -24.84 -13.50 -19.06
N ALA E 55 -25.82 -13.36 -19.94
CA ALA E 55 -27.20 -13.17 -19.53
C ALA E 55 -27.94 -14.50 -19.51
N TRP E 56 -27.40 -15.47 -20.26
CA TRP E 56 -27.98 -16.80 -20.31
C TRP E 56 -27.69 -17.57 -19.01
N LEU E 57 -26.47 -17.47 -18.53
CA LEU E 57 -26.09 -18.15 -17.30
C LEU E 57 -26.75 -17.50 -16.09
N ASP E 58 -27.43 -18.31 -15.29
CA ASP E 58 -28.15 -17.81 -14.13
C ASP E 58 -27.19 -17.41 -13.00
N VAL E 59 -26.79 -16.14 -12.97
CA VAL E 59 -25.89 -15.63 -11.94
C VAL E 59 -26.38 -14.32 -11.36
N ASP E 60 -25.67 -13.82 -10.35
CA ASP E 60 -26.05 -12.57 -9.68
C ASP E 60 -25.93 -11.40 -10.64
N ALA E 61 -26.56 -10.28 -10.30
CA ALA E 61 -26.50 -9.08 -11.12
C ALA E 61 -25.07 -8.54 -11.22
N VAL E 62 -24.40 -8.40 -10.08
CA VAL E 62 -23.02 -7.90 -10.07
C VAL E 62 -22.09 -8.83 -10.82
N THR E 63 -22.41 -10.13 -10.82
CA THR E 63 -21.62 -11.09 -11.57
C THR E 63 -21.79 -10.87 -13.08
N ARG E 64 -23.03 -10.61 -13.51
CA ARG E 64 -23.32 -10.39 -14.92
C ARG E 64 -22.53 -9.19 -15.43
N VAL E 65 -22.63 -8.10 -14.68
CA VAL E 65 -21.89 -6.88 -14.97
C VAL E 65 -20.39 -7.14 -15.13
N LEU E 66 -19.79 -7.80 -14.15
CA LEU E 66 -18.37 -8.11 -14.17
C LEU E 66 -17.94 -8.91 -15.40
N LEU E 67 -18.79 -9.84 -15.81
CA LEU E 67 -18.51 -10.69 -16.96
C LEU E 67 -18.57 -9.85 -18.24
N ILE E 68 -19.58 -9.01 -18.33
CA ILE E 68 -19.79 -8.14 -19.48
C ILE E 68 -18.69 -7.07 -19.59
N SER E 69 -18.42 -6.40 -18.46
CA SER E 69 -17.48 -5.29 -18.40
C SER E 69 -16.04 -5.64 -18.75
N SER E 70 -15.60 -6.84 -18.36
CA SER E 70 -14.24 -7.27 -18.64
C SER E 70 -14.04 -7.46 -20.14
N VAL E 71 -15.07 -7.96 -20.81
CA VAL E 71 -15.04 -8.18 -22.25
C VAL E 71 -15.17 -6.85 -23.00
N MET E 72 -16.05 -5.98 -22.54
CA MET E 72 -16.18 -4.67 -23.16
C MET E 72 -14.95 -3.78 -22.95
N LEU E 73 -14.20 -4.03 -21.88
CA LEU E 73 -12.94 -3.33 -21.68
C LEU E 73 -11.93 -3.72 -22.78
N VAL E 74 -11.98 -4.99 -23.17
CA VAL E 74 -11.16 -5.49 -24.27
C VAL E 74 -11.50 -4.74 -25.57
N MET E 75 -12.79 -4.49 -25.78
CA MET E 75 -13.25 -3.77 -26.97
C MET E 75 -12.75 -2.33 -26.99
N ILE E 76 -12.77 -1.68 -25.83
CA ILE E 76 -12.34 -0.31 -25.68
C ILE E 76 -10.84 -0.18 -25.97
N VAL E 77 -10.05 -1.02 -25.32
CA VAL E 77 -8.61 -0.99 -25.46
C VAL E 77 -8.18 -1.35 -26.90
N GLU E 78 -8.96 -2.22 -27.56
CA GLU E 78 -8.74 -2.57 -28.95
C GLU E 78 -8.91 -1.36 -29.87
N LEU E 79 -9.94 -0.58 -29.61
CA LEU E 79 -10.25 0.60 -30.41
C LEU E 79 -9.24 1.74 -30.16
N LEU E 80 -8.79 1.91 -28.93
CA LEU E 80 -7.75 2.90 -28.64
C LEU E 80 -6.46 2.48 -29.33
N ASN E 81 -6.15 1.19 -29.29
CA ASN E 81 -4.98 0.67 -29.96
C ASN E 81 -5.03 0.85 -31.48
N SER E 82 -6.18 0.52 -32.08
CA SER E 82 -6.41 0.73 -33.50
C SER E 82 -6.31 2.20 -33.89
N ALA E 83 -6.56 3.09 -32.93
CA ALA E 83 -6.45 4.53 -33.15
C ALA E 83 -4.98 4.94 -33.18
N ILE E 84 -4.18 4.35 -32.30
CA ILE E 84 -2.73 4.59 -32.30
C ILE E 84 -2.09 4.09 -33.60
N GLU E 85 -2.48 2.89 -34.02
CA GLU E 85 -1.92 2.27 -35.21
C GLU E 85 -2.29 3.05 -36.47
N ALA E 86 -3.46 3.67 -36.45
CA ALA E 86 -3.94 4.47 -37.57
C ALA E 86 -3.09 5.73 -37.74
N VAL E 87 -2.56 6.23 -36.62
CA VAL E 87 -1.65 7.36 -36.67
C VAL E 87 -0.29 6.93 -37.18
N VAL E 88 0.26 5.88 -36.57
CA VAL E 88 1.58 5.39 -36.91
C VAL E 88 1.67 4.88 -38.36
N ASP E 89 0.63 4.17 -38.82
CA ASP E 89 0.63 3.56 -40.14
C ASP E 89 -0.15 4.36 -41.17
N ARG E 90 -0.34 5.64 -40.92
CA ARG E 90 -1.14 6.46 -41.80
C ARG E 90 -0.45 6.54 -43.15
N ILE E 91 -1.23 6.89 -44.18
CA ILE E 91 -0.67 7.16 -45.49
C ILE E 91 0.47 8.17 -45.34
N GLY E 92 1.60 7.88 -45.99
CA GLY E 92 2.74 8.79 -45.95
C GLY E 92 3.74 8.56 -44.83
N SER E 93 3.46 7.63 -43.93
CA SER E 93 4.35 7.41 -42.78
C SER E 93 5.70 6.77 -43.16
N GLU E 94 5.80 6.26 -44.39
CA GLU E 94 7.04 5.64 -44.85
C GLU E 94 8.12 6.67 -45.20
N TYR E 95 7.73 7.94 -45.23
CA TYR E 95 8.65 9.02 -45.55
C TYR E 95 9.20 9.69 -44.30
N HIS E 96 8.77 9.23 -43.13
CA HIS E 96 9.22 9.78 -41.86
C HIS E 96 9.69 8.67 -40.93
N GLU E 97 10.14 9.06 -39.74
CA GLU E 97 10.53 8.11 -38.72
C GLU E 97 9.29 7.45 -38.12
N LEU E 98 9.26 6.12 -38.13
CA LEU E 98 8.12 5.38 -37.63
C LEU E 98 8.37 4.79 -36.24
N SER E 99 7.41 4.97 -35.35
CA SER E 99 7.51 4.45 -33.98
C SER E 99 6.91 3.04 -33.84
N GLY E 100 7.71 2.03 -34.17
CA GLY E 100 7.30 0.64 -33.97
C GLY E 100 7.03 0.33 -32.51
N ARG E 101 7.75 1.03 -31.63
CA ARG E 101 7.55 0.93 -30.20
C ARG E 101 6.11 1.24 -29.79
N ALA E 102 5.52 2.25 -30.43
CA ALA E 102 4.15 2.66 -30.12
C ALA E 102 3.15 1.54 -30.38
N LYS E 103 3.32 0.81 -31.48
CA LYS E 103 2.40 -0.26 -31.84
C LYS E 103 2.55 -1.46 -30.90
N ASP E 104 3.76 -1.66 -30.37
CA ASP E 104 4.02 -2.74 -29.44
C ASP E 104 3.37 -2.46 -28.09
N LEU E 105 3.50 -1.21 -27.61
CA LEU E 105 2.92 -0.81 -26.34
C LEU E 105 1.39 -0.93 -26.34
N GLY E 106 0.76 -0.45 -27.40
CA GLY E 106 -0.68 -0.60 -27.57
C GLY E 106 -1.13 -2.05 -27.65
N SER E 107 -0.35 -2.89 -28.33
CA SER E 107 -0.67 -4.32 -28.40
C SER E 107 -0.58 -4.97 -27.02
N ALA E 108 0.39 -4.53 -26.23
CA ALA E 108 0.59 -5.05 -24.90
C ALA E 108 -0.62 -4.72 -24.03
N ALA E 109 -1.14 -3.50 -24.20
CA ALA E 109 -2.32 -3.05 -23.50
C ALA E 109 -3.53 -3.95 -23.78
N VAL E 110 -3.70 -4.34 -25.04
CA VAL E 110 -4.77 -5.25 -25.41
C VAL E 110 -4.55 -6.60 -24.74
N LEU E 111 -3.29 -6.99 -24.63
CA LEU E 111 -2.93 -8.27 -24.03
C LEU E 111 -3.31 -8.32 -22.54
N ILE E 112 -2.94 -7.29 -21.80
CA ILE E 112 -3.29 -7.17 -20.39
C ILE E 112 -4.80 -7.05 -20.17
N ALA E 113 -5.49 -6.46 -21.13
CA ALA E 113 -6.95 -6.35 -21.06
C ALA E 113 -7.59 -7.73 -21.18
N ILE E 114 -7.11 -8.50 -22.15
CA ILE E 114 -7.60 -9.86 -22.39
C ILE E 114 -7.30 -10.79 -21.21
N ILE E 115 -6.05 -10.78 -20.74
CA ILE E 115 -5.62 -11.58 -19.61
C ILE E 115 -6.46 -11.29 -18.36
N ASP E 116 -6.73 -10.01 -18.14
CA ASP E 116 -7.61 -9.58 -17.06
C ASP E 116 -9.01 -10.19 -17.19
N ALA E 117 -9.54 -10.20 -18.42
CA ALA E 117 -10.87 -10.73 -18.68
C ALA E 117 -10.94 -12.23 -18.44
N VAL E 118 -9.86 -12.92 -18.80
CA VAL E 118 -9.74 -14.36 -18.57
C VAL E 118 -9.72 -14.68 -17.08
N ILE E 119 -8.93 -13.91 -16.34
CA ILE E 119 -8.84 -14.03 -14.90
C ILE E 119 -10.19 -13.72 -14.24
N THR E 120 -10.90 -12.74 -14.80
CA THR E 120 -12.20 -12.37 -14.25
C THR E 120 -13.22 -13.50 -14.46
N TRP E 121 -13.27 -14.05 -15.67
CA TRP E 121 -14.19 -15.13 -15.98
C TRP E 121 -13.85 -16.41 -15.21
N ALA E 122 -12.56 -16.72 -15.11
CA ALA E 122 -12.15 -17.96 -14.45
C ALA E 122 -12.53 -17.97 -12.97
N ILE E 123 -12.22 -16.88 -12.28
CA ILE E 123 -12.53 -16.75 -10.85
C ILE E 123 -14.02 -16.85 -10.56
N LEU E 124 -14.84 -16.15 -11.36
CA LEU E 124 -16.28 -16.16 -11.18
C LEU E 124 -16.87 -17.53 -11.49
N LEU E 125 -16.37 -18.16 -12.55
CA LEU E 125 -16.85 -19.47 -12.95
C LEU E 125 -16.40 -20.57 -11.99
N TRP E 126 -15.19 -20.42 -11.45
CA TRP E 126 -14.69 -21.39 -10.49
C TRP E 126 -15.44 -21.26 -9.17
N SER E 127 -15.98 -20.06 -8.94
CA SER E 127 -16.80 -19.78 -7.77
C SER E 127 -18.20 -20.37 -7.93
N HIS E 128 -18.73 -20.31 -9.14
CA HIS E 128 -20.08 -20.79 -9.43
C HIS E 128 -20.17 -22.31 -9.39
N PHE E 129 -19.30 -22.98 -10.11
CA PHE E 129 -19.30 -24.45 -10.13
C PHE E 129 -17.95 -25.04 -9.76
N ARG F 41 -14.23 20.60 -18.03
CA ARG F 41 -14.88 21.42 -17.01
C ARG F 41 -16.28 20.92 -16.66
N GLN F 42 -17.25 21.20 -17.52
CA GLN F 42 -18.63 20.76 -17.32
C GLN F 42 -18.72 19.23 -17.39
N GLU F 43 -17.83 18.62 -18.17
CA GLU F 43 -17.85 17.18 -18.38
C GLU F 43 -17.22 16.43 -17.21
N GLY F 44 -16.31 17.11 -16.51
CA GLY F 44 -15.67 16.52 -15.34
C GLY F 44 -16.60 16.49 -14.14
N VAL F 45 -17.55 17.43 -14.12
CA VAL F 45 -18.54 17.51 -13.04
C VAL F 45 -19.56 16.39 -13.17
N ALA F 46 -19.94 16.08 -14.40
CA ALA F 46 -20.91 15.01 -14.67
C ALA F 46 -20.44 13.66 -14.16
N VAL F 47 -19.13 13.41 -14.23
CA VAL F 47 -18.56 12.17 -13.72
C VAL F 47 -18.48 12.20 -12.19
N LEU F 48 -18.13 13.37 -11.65
CA LEU F 48 -18.02 13.53 -10.20
C LEU F 48 -19.40 13.55 -9.53
N LEU F 49 -20.41 14.00 -10.26
CA LEU F 49 -21.77 14.08 -9.75
C LEU F 49 -22.36 12.69 -9.53
N CYS F 50 -21.96 11.74 -10.37
CA CYS F 50 -22.43 10.36 -10.29
C CYS F 50 -21.81 9.65 -9.09
N VAL F 51 -20.57 10.01 -8.77
CA VAL F 51 -19.87 9.44 -7.63
C VAL F 51 -20.58 9.82 -6.34
N VAL F 52 -21.08 11.05 -6.28
CA VAL F 52 -21.83 11.54 -5.13
C VAL F 52 -23.14 10.75 -4.97
N ILE F 53 -23.82 10.49 -6.08
CA ILE F 53 -25.06 9.72 -6.06
C ILE F 53 -24.82 8.29 -5.57
N ALA F 54 -23.82 7.64 -6.15
CA ALA F 54 -23.46 6.27 -5.80
C ALA F 54 -23.07 6.14 -4.33
N ALA F 55 -22.44 7.17 -3.79
CA ALA F 55 -22.06 7.20 -2.38
C ALA F 55 -23.26 7.55 -1.51
N TRP F 56 -24.37 7.95 -2.13
CA TRP F 56 -25.58 8.30 -1.41
C TRP F 56 -26.62 7.21 -1.48
N LEU F 57 -26.67 6.50 -2.61
CA LEU F 57 -27.60 5.39 -2.79
C LEU F 57 -27.28 4.27 -1.81
N ASP F 58 -28.32 3.73 -1.17
CA ASP F 58 -28.13 2.67 -0.21
C ASP F 58 -27.94 1.32 -0.89
N VAL F 59 -26.69 1.01 -1.23
CA VAL F 59 -26.35 -0.26 -1.86
C VAL F 59 -25.18 -0.89 -1.13
N ASP F 60 -24.89 -2.15 -1.44
CA ASP F 60 -23.72 -2.82 -0.89
C ASP F 60 -22.43 -2.22 -1.46
N ALA F 61 -21.31 -2.55 -0.83
CA ALA F 61 -20.01 -2.02 -1.21
C ALA F 61 -19.62 -2.42 -2.62
N VAL F 62 -19.98 -3.64 -3.01
CA VAL F 62 -19.66 -4.14 -4.35
C VAL F 62 -20.39 -3.34 -5.43
N THR F 63 -21.67 -3.07 -5.22
CA THR F 63 -22.47 -2.30 -6.18
C THR F 63 -21.96 -0.87 -6.30
N ARG F 64 -21.52 -0.31 -5.18
CA ARG F 64 -21.05 1.06 -5.14
C ARG F 64 -19.79 1.23 -5.99
N VAL F 65 -18.84 0.32 -5.81
CA VAL F 65 -17.61 0.32 -6.59
C VAL F 65 -17.89 0.21 -8.10
N LEU F 66 -18.80 -0.69 -8.48
CA LEU F 66 -19.18 -0.83 -9.88
C LEU F 66 -19.79 0.45 -10.47
N LEU F 67 -20.71 1.08 -9.74
CA LEU F 67 -21.31 2.33 -10.20
C LEU F 67 -20.24 3.41 -10.36
N ILE F 68 -19.26 3.42 -9.46
CA ILE F 68 -18.18 4.41 -9.50
C ILE F 68 -17.15 4.09 -10.58
N SER F 69 -16.75 2.81 -10.66
CA SER F 69 -15.76 2.38 -11.63
C SER F 69 -16.20 2.64 -13.06
N SER F 70 -17.48 2.40 -13.35
CA SER F 70 -18.00 2.50 -14.70
C SER F 70 -17.96 3.92 -15.26
N VAL F 71 -18.18 4.91 -14.39
CA VAL F 71 -18.14 6.30 -14.82
C VAL F 71 -16.71 6.85 -14.88
N MET F 72 -15.83 6.32 -14.04
CA MET F 72 -14.45 6.78 -14.03
C MET F 72 -13.72 6.23 -15.24
N LEU F 73 -14.15 5.07 -15.70
CA LEU F 73 -13.64 4.49 -16.93
C LEU F 73 -13.93 5.43 -18.10
N VAL F 74 -15.16 5.92 -18.17
CA VAL F 74 -15.54 6.92 -19.18
C VAL F 74 -14.57 8.10 -19.17
N MET F 75 -14.40 8.70 -17.99
CA MET F 75 -13.48 9.82 -17.84
C MET F 75 -12.08 9.46 -18.33
N ILE F 76 -11.60 8.29 -17.91
CA ILE F 76 -10.34 7.73 -18.37
C ILE F 76 -10.26 7.66 -19.90
N VAL F 77 -11.28 7.08 -20.54
CA VAL F 77 -11.30 6.91 -21.98
C VAL F 77 -11.42 8.25 -22.70
N GLU F 78 -12.15 9.19 -22.10
CA GLU F 78 -12.24 10.55 -22.65
C GLU F 78 -10.89 11.26 -22.64
N LEU F 79 -10.08 11.02 -21.60
CA LEU F 79 -8.76 11.62 -21.57
C LEU F 79 -7.84 11.02 -22.63
N LEU F 80 -7.83 9.69 -22.75
CA LEU F 80 -6.99 9.02 -23.74
C LEU F 80 -7.38 9.41 -25.17
N ASN F 81 -8.68 9.51 -25.40
CA ASN F 81 -9.19 9.98 -26.69
C ASN F 81 -8.65 11.38 -27.01
N SER F 82 -8.70 12.28 -26.04
CA SER F 82 -8.22 13.65 -26.24
C SER F 82 -6.70 13.70 -26.39
N ALA F 83 -6.02 12.68 -25.87
CA ALA F 83 -4.57 12.58 -26.02
C ALA F 83 -4.23 12.17 -27.44
N ILE F 84 -5.05 11.26 -27.99
CA ILE F 84 -4.90 10.78 -29.35
C ILE F 84 -5.20 11.91 -30.36
N GLU F 85 -6.27 12.66 -30.10
CA GLU F 85 -6.61 13.82 -30.91
C GLU F 85 -5.50 14.87 -30.90
N ALA F 86 -4.85 15.09 -29.77
CA ALA F 86 -3.72 16.02 -29.72
C ALA F 86 -2.54 15.47 -30.51
N VAL F 87 -2.36 14.15 -30.48
CA VAL F 87 -1.32 13.50 -31.27
C VAL F 87 -1.59 13.70 -32.76
N VAL F 88 -2.83 13.43 -33.17
CA VAL F 88 -3.28 13.63 -34.54
C VAL F 88 -3.03 15.07 -35.01
N ASP F 89 -3.41 16.05 -34.19
CA ASP F 89 -3.16 17.45 -34.48
C ASP F 89 -1.66 17.73 -34.57
N ARG F 90 -0.88 17.13 -33.69
CA ARG F 90 0.58 17.28 -33.69
C ARG F 90 1.19 16.72 -34.98
N ILE F 91 0.64 15.61 -35.45
CA ILE F 91 1.07 14.97 -36.68
C ILE F 91 0.77 15.84 -37.90
N GLY F 92 -0.45 16.35 -37.98
CA GLY F 92 -0.87 17.24 -39.05
C GLY F 92 -0.04 18.50 -39.05
N SER F 93 0.15 19.08 -37.87
CA SER F 93 0.99 20.25 -37.70
C SER F 93 2.42 20.06 -38.23
N GLU F 94 2.97 18.87 -38.06
CA GLU F 94 4.37 18.62 -38.40
C GLU F 94 4.58 18.09 -39.82
N TYR F 95 3.70 17.21 -40.27
CA TYR F 95 3.91 16.53 -41.53
C TYR F 95 2.88 16.94 -42.57
N HIS F 96 1.85 17.65 -42.13
CA HIS F 96 0.70 18.01 -42.98
C HIS F 96 0.07 16.74 -43.53
N GLU F 97 -0.23 15.80 -42.64
CA GLU F 97 -0.85 14.53 -43.01
C GLU F 97 -2.05 14.27 -42.12
N LEU F 98 -3.08 13.63 -42.68
CA LEU F 98 -4.21 13.14 -41.88
C LEU F 98 -3.81 11.83 -41.21
N SER F 99 -4.62 11.37 -40.25
CA SER F 99 -4.32 10.13 -39.55
C SER F 99 -5.42 9.08 -39.71
N GLY F 100 -6.05 9.06 -40.88
CA GLY F 100 -7.10 8.11 -41.16
C GLY F 100 -8.25 8.17 -40.17
N ARG F 101 -8.62 7.02 -39.64
CA ARG F 101 -9.79 6.90 -38.78
C ARG F 101 -9.45 6.94 -37.29
N ALA F 102 -8.22 7.34 -36.98
CA ALA F 102 -7.75 7.49 -35.60
C ALA F 102 -8.72 8.22 -34.67
N LYS F 103 -9.21 9.39 -35.10
CA LYS F 103 -10.14 10.18 -34.30
C LYS F 103 -11.48 9.46 -34.13
N ASP F 104 -11.99 8.88 -35.21
CA ASP F 104 -13.24 8.12 -35.17
C ASP F 104 -13.16 6.90 -34.27
N LEU F 105 -12.03 6.19 -34.32
CA LEU F 105 -11.79 5.05 -33.46
C LEU F 105 -11.68 5.49 -31.99
N GLY F 106 -11.02 6.62 -31.75
CA GLY F 106 -10.95 7.17 -30.42
C GLY F 106 -12.33 7.48 -29.87
N SER F 107 -13.14 8.17 -30.69
CA SER F 107 -14.50 8.54 -30.30
C SER F 107 -15.37 7.32 -30.01
N ALA F 108 -15.24 6.29 -30.85
CA ALA F 108 -15.99 5.06 -30.69
C ALA F 108 -15.68 4.42 -29.34
N ALA F 109 -14.39 4.32 -29.03
CA ALA F 109 -13.93 3.82 -27.73
C ALA F 109 -14.66 4.49 -26.56
N VAL F 110 -14.88 5.79 -26.67
CA VAL F 110 -15.59 6.57 -25.66
C VAL F 110 -17.07 6.18 -25.61
N LEU F 111 -17.67 6.03 -26.79
CA LEU F 111 -19.06 5.65 -26.91
C LEU F 111 -19.34 4.31 -26.23
N ILE F 112 -18.45 3.33 -26.47
CA ILE F 112 -18.58 2.02 -25.86
C ILE F 112 -18.44 2.09 -24.35
N ALA F 113 -17.52 2.93 -23.88
CA ALA F 113 -17.36 3.08 -22.43
C ALA F 113 -18.62 3.68 -21.81
N ILE F 114 -19.28 4.59 -22.52
CA ILE F 114 -20.51 5.19 -22.02
C ILE F 114 -21.65 4.18 -21.99
N ILE F 115 -21.76 3.40 -23.07
CA ILE F 115 -22.74 2.33 -23.14
C ILE F 115 -22.52 1.33 -22.01
N ASP F 116 -21.26 0.99 -21.76
CA ASP F 116 -20.91 0.11 -20.64
C ASP F 116 -21.36 0.69 -19.29
N ALA F 117 -21.30 2.00 -19.14
CA ALA F 117 -21.74 2.65 -17.90
C ALA F 117 -23.25 2.60 -17.74
N VAL F 118 -23.97 2.91 -18.82
CA VAL F 118 -25.43 2.93 -18.81
C VAL F 118 -25.99 1.55 -18.48
N ILE F 119 -25.48 0.53 -19.14
CA ILE F 119 -25.86 -0.86 -18.85
C ILE F 119 -25.57 -1.19 -17.38
N THR F 120 -24.36 -0.90 -16.92
CA THR F 120 -23.96 -1.18 -15.55
C THR F 120 -24.92 -0.52 -14.56
N TRP F 121 -25.25 0.75 -14.81
CA TRP F 121 -26.17 1.47 -13.92
C TRP F 121 -27.59 0.94 -14.05
N ALA F 122 -27.96 0.51 -15.25
CA ALA F 122 -29.29 -0.05 -15.46
C ALA F 122 -29.42 -1.41 -14.78
N ILE F 123 -28.55 -2.35 -15.12
CA ILE F 123 -28.60 -3.70 -14.58
C ILE F 123 -28.59 -3.73 -13.04
N LEU F 124 -27.76 -2.89 -12.44
CA LEU F 124 -27.61 -2.85 -10.99
C LEU F 124 -28.80 -2.19 -10.29
N LEU F 125 -29.20 -1.01 -10.77
CA LEU F 125 -30.26 -0.26 -10.11
C LEU F 125 -31.65 -0.81 -10.43
N TRP F 126 -31.72 -1.68 -11.43
CA TRP F 126 -32.97 -2.37 -11.73
C TRP F 126 -33.13 -3.62 -10.86
N SER F 127 -31.99 -4.21 -10.48
CA SER F 127 -31.98 -5.35 -9.57
C SER F 127 -31.99 -4.87 -8.12
N HIS F 128 -31.72 -3.59 -7.93
CA HIS F 128 -31.74 -2.99 -6.60
C HIS F 128 -33.04 -2.23 -6.39
N PHE F 129 -33.78 -2.04 -7.47
CA PHE F 129 -35.06 -1.33 -7.42
C PHE F 129 -36.08 -2.11 -6.59
C19 79M G . 3.88 -9.16 0.47
C8 79M G . 8.23 -4.46 -1.99
C7 79M G . 7.54 -3.37 -1.75
C15 79M G . 3.84 -9.27 -1.04
C9 79M G . 8.06 -5.35 -3.17
C6 79M G . 6.46 -2.80 -2.64
C21 79M G . 9.42 2.99 -5.94
C14 79M G . 5.19 -9.09 -1.71
C10 79M G . 7.38 -6.69 -2.87
C5 79M G . 6.33 -1.29 -2.53
C13 79M G . 5.16 -9.08 -3.22
C11 79M G . 6.97 -7.47 -4.13
C4 79M G . 5.91 -0.63 -3.83
C12 79M G . 6.52 -8.92 -3.90
C3 79M G . 6.80 -1.02 -4.99
C2 79M G . 7.11 0.11 -5.97
C24 79M G . 11.83 2.40 -6.34
C22 79M G . 10.73 2.59 -5.33
O19 79M G . 8.20 1.33 -4.23
C1 79M G . 8.05 1.14 -5.40
O20 79M G . 8.69 1.81 -6.35
O23 79M G . 11.11 3.58 -4.36
O25 79M G . 12.22 3.65 -6.89
C19 79M H . 5.30 -13.83 -3.58
C8 79M H . 11.29 -12.61 -9.84
C7 79M H . 11.62 -11.73 -10.76
C15 79M H . 6.62 -13.12 -3.43
C9 79M H . 11.25 -12.41 -8.36
C6 79M H . 12.02 -10.30 -10.57
C21 79M H . 11.30 -2.70 -10.82
C14 79M H . 7.14 -12.52 -4.72
C10 79M H . 10.14 -13.22 -7.68
C5 79M H . 11.16 -9.32 -11.38
C13 79M H . 7.65 -13.54 -5.72
C11 79M H . 10.11 -13.09 -6.17
C4 79M H . 11.67 -7.88 -11.37
C12 79M H . 9.09 -13.98 -5.50
C3 79M H . 12.08 -7.40 -9.98
C2 79M H . 12.70 -6.00 -9.98
C24 79M H . 10.79 -0.43 -9.84
C22 79M H . 11.66 -1.67 -9.78
O19 79M H . 10.52 -5.04 -9.78
C1 79M H . 11.68 -4.92 -10.09
O20 79M H . 12.20 -3.80 -10.57
O23 79M H . 11.56 -2.28 -8.50
O25 79M H . 11.31 0.58 -9.00
ZN ZN I . 7.89 7.67 -20.65
C ACT J . 5.62 8.07 -18.16
O ACT J . 6.26 7.61 -17.18
OXT ACT J . 6.11 7.99 -19.33
CH3 ACT J . 4.29 8.71 -17.95
CAC FLC K . 11.65 11.67 -17.10
CA FLC K . 11.64 11.77 -18.59
CB FLC K . 11.93 10.53 -19.37
CBC FLC K . 13.39 10.29 -19.41
CG FLC K . 11.40 10.65 -20.76
CGC FLC K . 10.72 9.45 -21.32
OA1 FLC K . 10.57 11.84 -16.46
OA2 FLC K . 12.71 11.42 -16.48
OB1 FLC K . 13.85 9.20 -18.98
OB2 FLC K . 14.17 11.16 -19.87
OG1 FLC K . 9.84 8.85 -20.65
OG2 FLC K . 11.02 9.04 -22.48
OHB FLC K . 11.31 9.45 -18.77
C19 79M L . 2.25 -6.44 2.70
C8 79M L . -2.98 -8.42 8.30
C7 79M L . -4.28 -8.59 8.37
C15 79M L . 1.38 -6.09 3.88
C9 79M L . -2.28 -7.18 7.87
C6 79M L . -5.32 -7.57 8.02
C21 79M L . -6.19 -13.97 5.70
C14 79M L . 2.18 -5.72 5.10
C10 79M L . -1.15 -6.75 8.79
C5 79M L . -6.44 -8.12 7.15
C13 79M L . 1.37 -5.18 6.27
C11 79M L . -0.23 -5.71 8.17
C4 79M L . -6.92 -9.49 7.59
C12 79M L . 0.44 -6.20 6.90
C3 79M L . -8.19 -9.94 6.92
C2 79M L . -8.48 -11.43 7.09
C24 79M L . -6.22 -16.38 4.99
C22 79M L . -6.90 -15.30 5.79
O19 79M L . -8.06 -12.24 4.88
C1 79M L . -7.80 -12.26 6.05
O20 79M L . -6.89 -13.08 6.59
O23 79M L . -6.99 -15.68 7.16
O25 79M L . -6.21 -16.07 3.61
#